data_7KSA
#
_entry.id   7KSA
#
_cell.length_a   74.570
_cell.length_b   95.000
_cell.length_c   121.690
_cell.angle_alpha   90.00
_cell.angle_beta   90.00
_cell.angle_gamma   90.00
#
_symmetry.space_group_name_H-M   'I 2 2 2'
#
loop_
_entity.id
_entity.type
_entity.pdbx_description
1 polymer 'Cytochrome P450 3A4'
2 non-polymer 'PROTOPORPHYRIN IX CONTAINING FE'
3 non-polymer "(tert-butyl {1-[(1-oxo-3-phenyl-1-{[3-(pyridin-3-yl-kappaN)prop-1-en-1-yl]amino}propan-2-yl)sulfanyl]-3-phenylpropan-2-yl}carbamate)(6,6'-dimethyl-2,2'-bipyridine-kappa~2~N~1~,N~1'~)(1~2~,2~2~:2~6~,3~2~-terpyridine-kappa~3~N~1^{1~},N~2^{1~},N~3^{1~})ruthenium"
4 water water
#
_entity_poly.entity_id   1
_entity_poly.type   'polypeptide(L)'
_entity_poly.pdbx_seq_one_letter_code
;MAYLYGTHSHGLFKKLGIPGPTPLPFLGNILSYHKGFCMFDMECHKKYGKVWGFYDGQQPVLAITDPDMIKTVLVKECYS
VFTNRRPFGPVGFMKSAISIAEDEEWKRLRSLLSPTFTSGKLKEMVPIIAQYGDVLVRNLRREAETGKPVTLKDVFGAYS
MDVITSTSFGVNIDSLNNPQDPFVENTKKLLRFDFLDPFFLSITVFPFLIPILEVLNICVFPREVTNFLRKSVKRMKESR
LEDTQKHRVDFLQLMIDSQNSKETESHKALSDLELVAQSIIFIFAGYETTSSVLSFIMYELATHPDVQQKLQEEIDAVLP
NKAPPTYDTVLQMEYLDMVVNETLRLFPIAMRLERVCKKDVEINGMFIPKGVVVMIPSYALHRDPKYWTEPEKFLPERFS
KKNKDNIDPYIYTPFGSGPRNCIGMRFALMNMKLALIRVLQNFSFKPCKETQIPLKLSLGGLLQPEKPVVLKVESRDGTV
SGAHHHH
;
_entity_poly.pdbx_strand_id   A
#
loop_
_chem_comp.id
_chem_comp.type
_chem_comp.name
_chem_comp.formula
HEM non-polymer 'PROTOPORPHYRIN IX CONTAINING FE' 'C34 H32 Fe N4 O4'
X8P non-polymer '(tert-butyl {1-[(1-oxo-3-phenyl-1-{[3-(pyridin-3-yl-kappaN)prop-1-en-1-yl]amino}propan-2-yl)sulfanyl]-3-phenylpropan-2-yl}carbamate)(6,6'-dimethyl-2,2'-bipyridine-kappa~2~N~1~,N~1'~)(1~2~,2~2~:2~6~,3~2~-terpyridine-kappa~3~N~1^{1~},N~2^{1~},N~3^{1~})ruthenium' 'C58 H62 N8 O3 Ru S'
#
# COMPACT_ATOMS: atom_id res chain seq x y z
N HIS A 8 23.02 25.66 -3.34
CA HIS A 8 23.03 24.68 -4.41
C HIS A 8 23.63 23.37 -3.93
N SER A 9 22.76 22.47 -3.46
CA SER A 9 23.19 21.19 -2.92
C SER A 9 23.39 20.12 -3.99
N HIS A 10 23.33 20.49 -5.27
CA HIS A 10 23.45 19.50 -6.33
C HIS A 10 24.84 18.88 -6.40
N GLY A 11 25.84 19.50 -5.78
CA GLY A 11 27.14 18.91 -5.68
C GLY A 11 27.36 18.02 -4.47
N LEU A 12 26.29 17.67 -3.77
CA LEU A 12 26.43 16.94 -2.51
C LEU A 12 26.95 15.53 -2.72
N PHE A 13 26.35 14.78 -3.64
CA PHE A 13 26.73 13.38 -3.81
C PHE A 13 28.11 13.26 -4.45
N LYS A 14 28.42 14.10 -5.43
CA LYS A 14 29.76 14.13 -5.98
C LYS A 14 30.79 14.63 -4.97
N LYS A 15 30.35 15.41 -3.98
CA LYS A 15 31.21 15.77 -2.86
C LYS A 15 31.37 14.60 -1.89
N LEU A 16 30.47 13.63 -1.93
CA LEU A 16 30.51 12.45 -1.07
C LEU A 16 31.04 11.21 -1.77
N GLY A 17 31.38 11.32 -3.06
CA GLY A 17 31.81 10.15 -3.81
C GLY A 17 30.71 9.13 -4.01
N ILE A 18 29.49 9.57 -4.27
CA ILE A 18 28.33 8.70 -4.45
C ILE A 18 27.88 8.82 -5.90
N PRO A 19 27.83 7.73 -6.66
CA PRO A 19 27.40 7.82 -8.06
C PRO A 19 25.91 8.12 -8.18
N GLY A 20 25.50 8.43 -9.41
CA GLY A 20 24.12 8.73 -9.69
C GLY A 20 23.95 9.60 -10.91
N PRO A 21 22.70 9.88 -11.29
CA PRO A 21 22.46 10.76 -12.43
C PRO A 21 22.74 12.21 -12.10
N THR A 22 23.25 12.94 -13.09
CA THR A 22 23.65 14.33 -12.87
C THR A 22 22.41 15.21 -12.78
N PRO A 23 22.27 16.01 -11.72
CA PRO A 23 21.06 16.82 -11.57
C PRO A 23 21.12 18.11 -12.37
N LEU A 24 20.01 18.42 -13.04
CA LEU A 24 19.85 19.71 -13.67
C LEU A 24 19.51 20.76 -12.61
N PRO A 25 19.95 22.00 -12.79
CA PRO A 25 19.56 23.07 -11.86
C PRO A 25 18.04 23.18 -11.75
N PHE A 26 17.58 23.47 -10.53
CA PHE A 26 16.15 23.40 -10.16
C PHE A 26 15.54 22.03 -10.16
N LEU A 27 15.66 21.33 -11.29
CA LEU A 27 14.84 20.13 -11.55
C LEU A 27 15.51 18.96 -10.83
N GLY A 28 16.84 18.89 -10.84
CA GLY A 28 17.51 17.72 -10.32
C GLY A 28 17.43 16.55 -11.29
N ASN A 29 16.76 15.47 -10.90
CA ASN A 29 16.62 14.31 -11.75
C ASN A 29 15.16 13.93 -12.00
N ILE A 30 14.23 14.86 -11.76
CA ILE A 30 12.81 14.54 -11.87
C ILE A 30 12.38 14.30 -13.31
N LEU A 31 13.16 14.79 -14.29
CA LEU A 31 12.81 14.52 -15.68
C LEU A 31 13.05 13.07 -16.06
N SER A 32 13.84 12.34 -15.28
CA SER A 32 13.98 10.90 -15.49
C SER A 32 12.74 10.13 -15.04
N TYR A 33 11.75 10.80 -14.47
CA TYR A 33 10.49 10.17 -14.12
C TYR A 33 9.53 10.06 -15.29
N HIS A 34 9.96 10.43 -16.50
CA HIS A 34 9.13 10.19 -17.68
C HIS A 34 8.89 8.71 -17.90
N LYS A 35 9.76 7.85 -17.38
CA LYS A 35 9.56 6.42 -17.40
C LYS A 35 8.74 5.92 -16.22
N GLY A 36 8.72 6.67 -15.12
CA GLY A 36 8.05 6.26 -13.90
C GLY A 36 9.04 6.03 -12.78
N PHE A 37 8.50 6.09 -11.56
CA PHE A 37 9.32 5.89 -10.36
C PHE A 37 10.01 4.53 -10.38
N CYS A 38 9.28 3.49 -10.78
CA CYS A 38 9.82 2.13 -10.71
C CYS A 38 10.92 1.92 -11.74
N MET A 39 10.68 2.30 -12.99
CA MET A 39 11.68 2.12 -14.04
C MET A 39 12.94 2.95 -13.77
N PHE A 40 12.77 4.12 -13.16
CA PHE A 40 13.93 4.94 -12.81
C PHE A 40 14.80 4.25 -11.77
N ASP A 41 14.17 3.63 -10.76
CA ASP A 41 14.93 2.93 -9.73
C ASP A 41 15.57 1.66 -10.28
N MET A 42 14.91 0.99 -11.24
CA MET A 42 15.49 -0.21 -11.83
C MET A 42 16.74 0.12 -12.62
N GLU A 43 16.66 1.13 -13.50
CA GLU A 43 17.83 1.54 -14.27
C GLU A 43 18.96 1.97 -13.35
N CYS A 44 18.64 2.77 -12.33
CA CYS A 44 19.67 3.24 -11.41
C CYS A 44 20.30 2.10 -10.63
N HIS A 45 19.47 1.15 -10.17
CA HIS A 45 20.01 -0.02 -9.48
C HIS A 45 20.88 -0.86 -10.40
N LYS A 46 20.64 -0.80 -11.70
CA LYS A 46 21.40 -1.62 -12.64
C LYS A 46 22.78 -1.05 -12.93
N LYS A 47 22.88 0.28 -13.07
CA LYS A 47 24.10 0.92 -13.54
C LYS A 47 24.89 1.62 -12.45
N TYR A 48 24.38 1.69 -11.22
CA TYR A 48 25.06 2.41 -10.15
C TYR A 48 25.48 1.53 -8.98
N GLY A 49 24.97 0.31 -8.86
CA GLY A 49 25.39 -0.58 -7.81
C GLY A 49 24.49 -0.59 -6.59
N LYS A 50 25.08 -0.77 -5.41
CA LYS A 50 24.28 -0.92 -4.19
C LYS A 50 23.70 0.40 -3.72
N VAL A 51 24.39 1.51 -3.96
CA VAL A 51 23.99 2.82 -3.46
C VAL A 51 24.19 3.86 -4.56
N TRP A 52 23.19 4.73 -4.72
CA TRP A 52 23.31 5.87 -5.63
C TRP A 52 22.52 7.03 -5.04
N GLY A 53 22.72 8.21 -5.62
CA GLY A 53 22.03 9.40 -5.17
C GLY A 53 21.45 10.19 -6.32
N PHE A 54 20.28 10.77 -6.07
CA PHE A 54 19.63 11.63 -7.05
C PHE A 54 18.91 12.76 -6.31
N TYR A 55 18.43 13.73 -7.07
CA TYR A 55 17.83 14.94 -6.53
C TYR A 55 16.40 15.09 -7.03
N ASP A 56 15.44 15.00 -6.11
CA ASP A 56 14.05 15.36 -6.39
C ASP A 56 13.95 16.87 -6.25
N GLY A 57 14.18 17.57 -7.35
CA GLY A 57 14.30 19.02 -7.30
C GLY A 57 15.60 19.43 -6.64
N GLN A 58 15.51 20.10 -5.50
CA GLN A 58 16.68 20.38 -4.69
C GLN A 58 16.87 19.39 -3.54
N GLN A 59 15.90 18.52 -3.32
CA GLN A 59 15.98 17.56 -2.22
C GLN A 59 16.90 16.40 -2.60
N PRO A 60 18.02 16.23 -1.90
CA PRO A 60 18.88 15.07 -2.18
C PRO A 60 18.25 13.79 -1.63
N VAL A 61 18.24 12.75 -2.45
CA VAL A 61 17.70 11.45 -2.08
C VAL A 61 18.78 10.41 -2.25
N LEU A 62 19.05 9.66 -1.18
CA LEU A 62 20.03 8.58 -1.21
C LEU A 62 19.29 7.25 -1.26
N ALA A 63 19.53 6.48 -2.32
CA ALA A 63 18.93 5.16 -2.47
C ALA A 63 19.92 4.10 -2.03
N ILE A 64 19.45 3.13 -1.24
CA ILE A 64 20.27 2.05 -0.73
C ILE A 64 19.59 0.72 -1.06
N THR A 65 20.40 -0.27 -1.40
CA THR A 65 19.90 -1.62 -1.69
C THR A 65 20.63 -2.68 -0.89
N ASP A 66 21.32 -2.28 0.19
CA ASP A 66 22.04 -3.24 1.04
C ASP A 66 21.14 -3.68 2.18
N PRO A 67 20.99 -4.98 2.40
CA PRO A 67 20.06 -5.45 3.46
C PRO A 67 20.43 -4.94 4.84
N ASP A 68 21.70 -5.01 5.23
CA ASP A 68 22.10 -4.54 6.54
C ASP A 68 21.89 -3.03 6.67
N MET A 69 22.21 -2.28 5.61
CA MET A 69 21.97 -0.84 5.63
C MET A 69 20.48 -0.53 5.72
N ILE A 70 19.65 -1.31 5.02
CA ILE A 70 18.21 -1.16 5.14
C ILE A 70 17.76 -1.51 6.56
N LYS A 71 18.36 -2.54 7.15
CA LYS A 71 18.03 -2.90 8.52
C LYS A 71 18.44 -1.80 9.49
N THR A 72 19.58 -1.17 9.25
CA THR A 72 20.01 -0.05 10.09
C THR A 72 19.08 1.14 9.93
N VAL A 73 18.58 1.38 8.73
CA VAL A 73 17.71 2.54 8.49
C VAL A 73 16.32 2.28 9.06
N LEU A 74 15.73 1.13 8.73
CA LEU A 74 14.34 0.88 9.08
C LEU A 74 14.17 0.44 10.54
N VAL A 75 15.18 -0.19 11.13
CA VAL A 75 15.00 -0.81 12.44
C VAL A 75 15.97 -0.26 13.46
N LYS A 76 17.27 -0.41 13.20
CA LYS A 76 18.27 -0.13 14.23
C LYS A 76 18.26 1.34 14.65
N GLU A 77 18.28 2.25 13.69
CA GLU A 77 18.35 3.69 13.96
C GLU A 77 17.05 4.40 13.56
N CYS A 78 15.92 3.75 13.82
CA CYS A 78 14.62 4.37 13.51
C CYS A 78 14.33 5.54 14.45
N TYR A 79 14.29 5.27 15.75
CA TYR A 79 13.92 6.32 16.68
C TYR A 79 15.01 7.37 16.82
N SER A 80 16.26 7.02 16.48
CA SER A 80 17.35 7.96 16.70
C SER A 80 17.54 8.90 15.52
N VAL A 81 17.45 8.38 14.29
CA VAL A 81 17.80 9.14 13.11
C VAL A 81 16.69 9.13 12.07
N PHE A 82 16.21 7.95 11.72
CA PHE A 82 15.29 7.79 10.59
C PHE A 82 13.86 7.57 11.08
N THR A 83 13.35 8.56 11.81
CA THR A 83 12.02 8.43 12.41
C THR A 83 10.91 8.86 11.47
N ASN A 84 11.18 9.79 10.57
CA ASN A 84 10.12 10.42 9.79
C ASN A 84 10.34 10.21 8.30
N ARG A 85 9.24 10.36 7.55
CA ARG A 85 9.28 10.44 6.10
C ARG A 85 9.40 11.91 5.70
N ARG A 86 9.57 12.16 4.39
CA ARG A 86 9.68 13.59 4.17
C ARG A 86 8.30 14.21 3.93
N PRO A 87 8.16 15.50 4.21
CA PRO A 87 6.90 16.19 3.87
C PRO A 87 6.61 16.07 2.38
N PHE A 88 5.31 16.08 2.06
CA PHE A 88 4.86 15.79 0.71
C PHE A 88 4.07 16.92 0.06
N GLY A 89 3.54 17.86 0.83
CA GLY A 89 2.73 18.93 0.28
C GLY A 89 1.96 19.65 1.36
N PRO A 90 1.03 20.51 0.96
CA PRO A 90 0.19 21.19 1.96
C PRO A 90 -0.72 20.20 2.67
N VAL A 91 -0.45 19.98 3.95
CA VAL A 91 -1.14 18.91 4.67
C VAL A 91 -2.38 19.41 5.43
N GLY A 92 -2.49 20.70 5.69
CA GLY A 92 -3.63 21.21 6.44
C GLY A 92 -3.66 20.65 7.85
N PHE A 93 -4.84 20.23 8.28
CA PHE A 93 -4.99 19.60 9.59
C PHE A 93 -4.55 18.14 9.58
N MET A 94 -4.21 17.58 8.42
CA MET A 94 -3.77 16.20 8.32
C MET A 94 -2.35 15.99 8.79
N LYS A 95 -1.75 16.97 9.47
CA LYS A 95 -0.46 16.74 10.10
C LYS A 95 -0.56 15.85 11.33
N SER A 96 -1.78 15.59 11.81
CA SER A 96 -2.02 14.66 12.91
C SER A 96 -2.23 13.23 12.42
N ALA A 97 -2.15 12.99 11.12
CA ALA A 97 -2.20 11.62 10.62
C ALA A 97 -0.93 10.88 11.01
N ILE A 98 -1.09 9.60 11.37
CA ILE A 98 0.04 8.83 11.88
C ILE A 98 1.10 8.64 10.81
N SER A 99 0.71 8.59 9.53
CA SER A 99 1.67 8.46 8.45
C SER A 99 2.42 9.77 8.18
N ILE A 100 1.91 10.89 8.68
CA ILE A 100 2.54 12.19 8.46
C ILE A 100 3.16 12.76 9.73
N ALA A 101 2.69 12.36 10.91
CA ALA A 101 3.26 12.83 12.17
C ALA A 101 4.74 12.48 12.26
N GLU A 102 5.46 13.26 13.08
CA GLU A 102 6.90 13.15 13.17
C GLU A 102 7.35 13.05 14.63
N ASP A 103 8.39 12.25 14.86
CA ASP A 103 9.14 12.21 16.12
C ASP A 103 8.20 11.78 17.25
N GLU A 104 8.18 12.49 18.38
CA GLU A 104 7.42 12.03 19.54
C GLU A 104 5.91 12.09 19.29
N GLU A 105 5.46 13.04 18.47
CA GLU A 105 4.04 13.13 18.16
C GLU A 105 3.56 11.92 17.38
N TRP A 106 4.42 11.36 16.52
CA TRP A 106 4.08 10.10 15.87
C TRP A 106 4.18 8.93 16.84
N LYS A 107 5.21 8.93 17.68
CA LYS A 107 5.39 7.87 18.67
C LYS A 107 4.16 7.70 19.54
N ARG A 108 3.49 8.81 19.87
CA ARG A 108 2.27 8.73 20.66
C ARG A 108 1.14 8.11 19.86
N LEU A 109 1.00 8.50 18.59
CA LEU A 109 -0.09 8.00 17.77
C LEU A 109 0.08 6.50 17.49
N ARG A 110 1.29 6.07 17.16
CA ARG A 110 1.53 4.65 16.91
C ARG A 110 1.23 3.82 18.15
N SER A 111 1.57 4.35 19.33
CA SER A 111 1.29 3.63 20.56
C SER A 111 -0.20 3.65 20.91
N LEU A 112 -0.90 4.71 20.52
CA LEU A 112 -2.34 4.80 20.76
C LEU A 112 -3.12 3.90 19.81
N LEU A 113 -2.68 3.80 18.55
CA LEU A 113 -3.42 3.06 17.54
C LEU A 113 -2.95 1.61 17.38
N SER A 114 -1.87 1.22 18.07
CA SER A 114 -1.41 -0.17 17.97
C SER A 114 -2.44 -1.20 18.43
N PRO A 115 -3.17 -1.01 19.52
CA PRO A 115 -4.14 -2.05 19.93
C PRO A 115 -5.22 -2.32 18.90
N THR A 116 -5.62 -1.33 18.10
CA THR A 116 -6.74 -1.52 17.19
C THR A 116 -6.40 -2.53 16.10
N PHE A 117 -5.12 -2.70 15.77
CA PHE A 117 -4.67 -3.59 14.70
C PHE A 117 -4.06 -4.87 15.23
N THR A 118 -4.56 -5.37 16.36
CA THR A 118 -4.10 -6.64 16.88
C THR A 118 -4.74 -7.78 16.10
N SER A 119 -4.11 -8.96 16.19
CA SER A 119 -4.75 -10.16 15.67
C SER A 119 -6.04 -10.46 16.41
N GLY A 120 -6.18 -9.98 17.65
CA GLY A 120 -7.42 -10.17 18.38
C GLY A 120 -8.54 -9.31 17.84
N LYS A 121 -8.27 -8.02 17.62
CA LYS A 121 -9.27 -7.14 17.02
C LYS A 121 -9.59 -7.56 15.60
N LEU A 122 -8.64 -8.21 14.92
CA LEU A 122 -8.85 -8.63 13.53
C LEU A 122 -9.87 -9.75 13.45
N LYS A 123 -9.89 -10.65 14.44
CA LYS A 123 -10.85 -11.75 14.41
C LYS A 123 -12.27 -11.26 14.67
N GLU A 124 -12.43 -10.23 15.51
CA GLU A 124 -13.75 -9.66 15.75
C GLU A 124 -14.30 -8.94 14.52
N MET A 125 -13.44 -8.66 13.53
CA MET A 125 -13.86 -8.00 12.30
C MET A 125 -14.09 -8.97 11.14
N VAL A 126 -13.67 -10.24 11.29
CA VAL A 126 -13.79 -11.19 10.19
C VAL A 126 -15.25 -11.41 9.77
N PRO A 127 -16.20 -11.64 10.69
CA PRO A 127 -17.60 -11.77 10.24
C PRO A 127 -18.14 -10.50 9.59
N ILE A 128 -17.69 -9.34 10.05
CA ILE A 128 -18.22 -8.08 9.52
C ILE A 128 -17.82 -7.92 8.05
N ILE A 129 -16.59 -8.31 7.70
CA ILE A 129 -16.11 -8.16 6.33
C ILE A 129 -16.38 -9.39 5.47
N ALA A 130 -16.61 -10.56 6.08
CA ALA A 130 -17.07 -11.71 5.30
C ALA A 130 -18.46 -11.44 4.74
N GLN A 131 -19.25 -10.62 5.43
CA GLN A 131 -20.56 -10.21 4.91
C GLN A 131 -20.42 -9.53 3.56
N TYR A 132 -19.35 -8.76 3.37
CA TYR A 132 -19.11 -8.10 2.09
C TYR A 132 -18.34 -8.97 1.13
N GLY A 133 -17.68 -10.03 1.60
CA GLY A 133 -17.25 -11.08 0.70
C GLY A 133 -18.43 -11.77 0.05
N ASP A 134 -19.59 -11.75 0.70
CA ASP A 134 -20.82 -12.24 0.10
C ASP A 134 -21.39 -11.23 -0.89
N VAL A 135 -21.38 -9.94 -0.52
CA VAL A 135 -21.93 -8.90 -1.40
C VAL A 135 -21.13 -8.81 -2.70
N LEU A 136 -19.83 -9.04 -2.63
CA LEU A 136 -19.01 -9.01 -3.84
C LEU A 136 -19.41 -10.11 -4.81
N VAL A 137 -19.62 -11.33 -4.30
CA VAL A 137 -20.10 -12.42 -5.15
C VAL A 137 -21.49 -12.12 -5.69
N ARG A 138 -22.34 -11.53 -4.85
CA ARG A 138 -23.67 -11.11 -5.27
C ARG A 138 -23.60 -10.23 -6.52
N ASN A 139 -22.68 -9.28 -6.52
CA ASN A 139 -22.46 -8.44 -7.69
C ASN A 139 -21.63 -9.13 -8.75
N LEU A 140 -20.94 -10.22 -8.40
CA LEU A 140 -20.19 -10.99 -9.39
C LEU A 140 -21.09 -11.99 -10.12
N ARG A 141 -21.97 -12.68 -9.38
CA ARG A 141 -22.93 -13.57 -10.02
C ARG A 141 -23.79 -12.83 -11.03
N ARG A 142 -24.02 -11.53 -10.79
CA ARG A 142 -24.71 -10.70 -11.77
C ARG A 142 -23.92 -10.63 -13.07
N GLU A 143 -22.64 -10.26 -12.97
CA GLU A 143 -21.79 -10.16 -14.15
C GLU A 143 -21.15 -11.50 -14.50
N ALA A 144 -21.79 -12.60 -14.09
CA ALA A 144 -21.39 -13.94 -14.45
C ALA A 144 -22.43 -14.64 -15.33
N GLU A 145 -23.68 -14.68 -14.89
CA GLU A 145 -24.75 -15.16 -15.75
C GLU A 145 -25.08 -14.19 -16.87
N THR A 146 -24.74 -12.91 -16.70
CA THR A 146 -24.75 -12.00 -17.83
C THR A 146 -23.71 -12.41 -18.87
N GLY A 147 -22.72 -13.20 -18.46
CA GLY A 147 -21.84 -13.91 -19.38
C GLY A 147 -20.97 -13.03 -20.26
N LYS A 148 -20.27 -12.07 -19.66
CA LYS A 148 -19.47 -11.14 -20.42
C LYS A 148 -18.52 -10.42 -19.46
N PRO A 149 -17.41 -9.88 -19.97
CA PRO A 149 -16.28 -9.52 -19.09
C PRO A 149 -16.64 -8.48 -18.04
N VAL A 150 -15.76 -8.38 -17.04
CA VAL A 150 -15.96 -7.55 -15.86
C VAL A 150 -14.73 -6.69 -15.65
N THR A 151 -14.94 -5.40 -15.39
CA THR A 151 -13.87 -4.53 -14.93
C THR A 151 -13.68 -4.75 -13.44
N LEU A 152 -12.57 -5.39 -13.06
CA LEU A 152 -12.40 -5.84 -11.69
C LEU A 152 -12.35 -4.67 -10.71
N LYS A 153 -11.77 -3.55 -11.13
CA LYS A 153 -11.63 -2.41 -10.22
C LYS A 153 -12.97 -1.81 -9.82
N ASP A 154 -14.05 -2.15 -10.52
CA ASP A 154 -15.37 -1.67 -10.12
C ASP A 154 -15.94 -2.51 -8.98
N VAL A 155 -15.97 -3.83 -9.17
CA VAL A 155 -16.49 -4.71 -8.13
C VAL A 155 -15.54 -4.75 -6.94
N PHE A 156 -14.24 -4.80 -7.20
CA PHE A 156 -13.27 -4.77 -6.11
C PHE A 156 -13.22 -3.39 -5.46
N GLY A 157 -13.34 -2.33 -6.28
CA GLY A 157 -13.42 -1.00 -5.71
C GLY A 157 -14.68 -0.81 -4.88
N ALA A 158 -15.80 -1.38 -5.33
CA ALA A 158 -17.00 -1.39 -4.51
C ALA A 158 -16.79 -2.22 -3.25
N TYR A 159 -16.16 -3.39 -3.39
CA TYR A 159 -15.86 -4.22 -2.23
C TYR A 159 -14.94 -3.49 -1.26
N SER A 160 -13.86 -2.90 -1.77
CA SER A 160 -12.93 -2.18 -0.89
C SER A 160 -13.60 -0.99 -0.23
N MET A 161 -14.61 -0.41 -0.89
CA MET A 161 -15.34 0.70 -0.29
C MET A 161 -16.33 0.21 0.77
N ASP A 162 -16.93 -0.97 0.54
CA ASP A 162 -17.90 -1.49 1.51
C ASP A 162 -17.22 -1.89 2.81
N VAL A 163 -16.07 -2.59 2.72
CA VAL A 163 -15.37 -3.04 3.92
C VAL A 163 -14.88 -1.86 4.73
N ILE A 164 -14.36 -0.82 4.07
CA ILE A 164 -13.83 0.34 4.79
C ILE A 164 -14.98 0.88 5.62
N THR A 165 -16.02 1.38 4.95
CA THR A 165 -17.11 2.04 5.67
C THR A 165 -17.61 1.32 6.91
N SER A 166 -17.87 0.01 6.80
CA SER A 166 -18.41 -0.73 7.92
C SER A 166 -17.36 -1.05 8.97
N THR A 167 -16.09 -1.18 8.59
CA THR A 167 -15.04 -1.41 9.57
C THR A 167 -14.51 -0.12 10.17
N SER A 168 -14.53 0.96 9.40
CA SER A 168 -14.07 2.22 9.93
C SER A 168 -15.17 3.05 10.54
N PHE A 169 -16.44 2.76 10.26
CA PHE A 169 -17.55 3.53 10.82
C PHE A 169 -18.78 2.71 11.16
N GLY A 170 -18.82 1.43 10.83
CA GLY A 170 -20.02 0.65 11.03
C GLY A 170 -21.15 0.95 10.08
N VAL A 171 -20.95 1.85 9.12
CA VAL A 171 -22.00 2.23 8.18
C VAL A 171 -22.06 1.19 7.06
N ASN A 172 -23.10 0.37 7.08
CA ASN A 172 -23.25 -0.70 6.11
C ASN A 172 -23.92 -0.15 4.84
N ILE A 173 -23.23 -0.30 3.70
CA ILE A 173 -23.76 0.10 2.40
C ILE A 173 -23.35 -0.95 1.37
N ASP A 174 -24.07 -0.96 0.25
CA ASP A 174 -23.67 -1.66 -0.96
C ASP A 174 -23.24 -0.58 -1.94
N SER A 175 -21.94 -0.25 -1.91
CA SER A 175 -21.45 0.87 -2.70
C SER A 175 -21.67 0.66 -4.19
N LEU A 176 -21.80 -0.59 -4.63
CA LEU A 176 -22.05 -0.84 -6.05
C LEU A 176 -23.53 -0.67 -6.39
N ASN A 177 -24.42 -0.83 -5.42
CA ASN A 177 -25.85 -0.73 -5.65
C ASN A 177 -26.48 0.49 -4.99
N ASN A 178 -25.73 1.24 -4.19
CA ASN A 178 -26.19 2.52 -3.63
C ASN A 178 -25.19 3.62 -3.96
N PRO A 179 -24.98 3.92 -5.24
CA PRO A 179 -23.97 4.93 -5.61
C PRO A 179 -24.39 6.36 -5.30
N GLN A 180 -25.69 6.57 -5.10
CA GLN A 180 -26.22 7.90 -4.78
C GLN A 180 -25.72 8.32 -3.40
N ASP A 181 -26.11 7.56 -2.38
CA ASP A 181 -25.69 7.85 -1.03
C ASP A 181 -24.17 7.98 -1.04
N PRO A 182 -23.68 9.28 -1.00
CA PRO A 182 -22.22 9.38 -1.05
C PRO A 182 -21.56 9.41 0.32
N PHE A 183 -22.05 8.62 1.28
CA PHE A 183 -21.43 8.61 2.60
C PHE A 183 -19.93 8.89 2.70
N VAL A 184 -19.11 8.22 1.90
CA VAL A 184 -17.68 8.49 1.94
C VAL A 184 -17.17 8.45 0.51
N GLU A 185 -17.73 9.31 -0.35
CA GLU A 185 -17.06 9.70 -1.58
C GLU A 185 -15.87 10.61 -1.32
N ASN A 186 -15.53 10.84 -0.05
CA ASN A 186 -14.49 11.76 0.42
C ASN A 186 -13.11 11.49 -0.17
N THR A 187 -12.96 10.42 -0.94
CA THR A 187 -11.72 10.12 -1.64
C THR A 187 -11.41 10.81 -2.95
N LYS A 188 -12.34 10.79 -3.90
CA LYS A 188 -12.12 11.40 -5.21
C LYS A 188 -12.04 12.92 -5.12
N PRO A 198 0.94 16.60 -12.07
CA PRO A 198 0.86 18.02 -12.43
C PRO A 198 0.59 18.86 -11.19
N PHE A 199 0.91 18.31 -10.02
CA PHE A 199 0.83 19.06 -8.77
C PHE A 199 2.10 18.64 -8.06
N PHE A 200 2.20 17.35 -7.75
CA PHE A 200 3.28 16.79 -6.93
C PHE A 200 4.62 16.79 -7.65
N LEU A 201 4.61 16.88 -8.98
CA LEU A 201 5.84 17.19 -9.71
C LEU A 201 6.32 18.60 -9.36
N SER A 202 5.43 19.58 -9.48
CA SER A 202 5.79 20.96 -9.17
C SER A 202 6.13 21.12 -7.69
N ILE A 203 5.33 20.49 -6.81
CA ILE A 203 5.54 20.63 -5.38
C ILE A 203 6.88 20.06 -4.94
N THR A 204 7.51 19.22 -5.76
CA THR A 204 8.78 18.62 -5.42
C THR A 204 9.97 19.48 -5.84
N VAL A 205 10.01 19.87 -7.12
CA VAL A 205 10.99 20.86 -7.54
C VAL A 205 10.76 22.16 -6.79
N PHE A 206 9.52 22.42 -6.40
CA PHE A 206 9.16 23.61 -5.62
C PHE A 206 8.61 23.16 -4.27
N PRO A 207 9.47 22.67 -3.36
CA PRO A 207 8.98 22.35 -2.02
C PRO A 207 8.64 23.58 -1.22
N PHE A 208 8.96 24.76 -1.74
CA PHE A 208 8.69 26.03 -1.08
C PHE A 208 7.25 26.48 -1.22
N LEU A 209 6.49 25.86 -2.12
CA LEU A 209 5.07 26.16 -2.24
C LEU A 209 4.22 25.30 -1.32
N ILE A 210 4.80 24.29 -0.68
CA ILE A 210 4.12 23.49 0.32
C ILE A 210 3.54 24.39 1.41
N PRO A 211 4.33 25.22 2.09
CA PRO A 211 3.73 26.07 3.13
C PRO A 211 2.89 27.20 2.58
N ILE A 212 3.04 27.52 1.29
CA ILE A 212 2.17 28.52 0.66
C ILE A 212 0.72 28.06 0.72
N LEU A 213 0.46 26.90 0.12
CA LEU A 213 -0.87 26.33 0.10
C LEU A 213 -1.37 25.97 1.51
N GLU A 214 -0.46 25.91 2.49
CA GLU A 214 -0.89 25.71 3.87
C GLU A 214 -1.66 26.91 4.38
N VAL A 215 -1.05 28.10 4.30
CA VAL A 215 -1.75 29.31 4.73
C VAL A 215 -2.92 29.60 3.82
N LEU A 216 -2.86 29.13 2.57
CA LEU A 216 -3.93 29.32 1.59
C LEU A 216 -5.12 28.41 1.83
N ASN A 217 -5.14 27.67 2.94
CA ASN A 217 -6.11 26.63 3.23
C ASN A 217 -6.19 25.55 2.15
N ILE A 218 -5.29 25.59 1.17
CA ILE A 218 -5.26 24.57 0.14
C ILE A 218 -4.74 23.27 0.75
N CYS A 219 -5.58 22.26 0.77
CA CYS A 219 -5.21 20.93 1.24
C CYS A 219 -5.15 19.96 0.07
N VAL A 220 -4.17 19.05 0.12
CA VAL A 220 -4.08 18.01 -0.90
C VAL A 220 -5.29 17.09 -0.84
N PHE A 221 -5.93 16.98 0.32
CA PHE A 221 -7.19 16.26 0.47
C PHE A 221 -8.34 17.24 0.42
N PRO A 222 -9.39 16.96 -0.37
CA PRO A 222 -10.52 17.91 -0.49
C PRO A 222 -11.03 18.40 0.86
N ARG A 223 -10.75 19.68 1.14
CA ARG A 223 -10.85 20.21 2.50
C ARG A 223 -12.27 20.63 2.88
N GLU A 224 -13.09 20.94 1.89
CA GLU A 224 -14.47 21.34 2.14
C GLU A 224 -15.21 20.17 2.77
N VAL A 225 -14.62 18.98 2.66
CA VAL A 225 -15.20 17.76 3.20
C VAL A 225 -14.46 17.69 4.55
N THR A 226 -14.40 16.51 5.16
CA THR A 226 -14.07 16.32 6.57
C THR A 226 -15.23 16.82 7.43
N ASN A 227 -15.70 18.02 7.11
CA ASN A 227 -16.81 18.62 7.84
C ASN A 227 -17.99 17.66 7.95
N PHE A 228 -18.21 16.84 6.92
CA PHE A 228 -19.21 15.79 7.01
C PHE A 228 -18.78 14.67 7.96
N LEU A 229 -17.48 14.46 8.12
CA LEU A 229 -17.00 13.34 8.91
C LEU A 229 -16.94 13.67 10.41
N ARG A 230 -16.36 14.82 10.77
CA ARG A 230 -16.32 15.20 12.19
C ARG A 230 -17.73 15.40 12.74
N LYS A 231 -18.62 15.99 11.94
CA LYS A 231 -19.99 16.20 12.37
C LYS A 231 -20.79 14.90 12.37
N SER A 232 -20.42 13.94 11.51
CA SER A 232 -20.92 12.57 11.60
C SER A 232 -20.18 11.73 12.63
N VAL A 233 -19.25 12.33 13.34
CA VAL A 233 -18.48 11.58 14.30
C VAL A 233 -19.09 12.07 15.60
N LYS A 234 -19.75 13.22 15.52
CA LYS A 234 -20.46 13.76 16.64
C LYS A 234 -21.53 12.75 17.00
N ARG A 235 -21.92 11.95 16.01
CA ARG A 235 -22.79 10.80 16.14
C ARG A 235 -22.13 9.59 16.82
N MET A 236 -20.80 9.59 17.05
CA MET A 236 -20.17 8.40 17.63
C MET A 236 -19.64 8.55 19.06
N LYS A 237 -19.38 9.77 19.51
CA LYS A 237 -19.02 9.96 20.92
C LYS A 237 -20.18 9.53 21.82
N GLU A 238 -21.40 9.82 21.39
CA GLU A 238 -22.59 9.48 22.14
C GLU A 238 -23.48 8.53 21.36
N VAL A 249 -18.49 -3.30 16.82
CA VAL A 249 -17.04 -3.43 16.68
C VAL A 249 -16.59 -2.83 15.35
N ASP A 250 -15.79 -1.78 15.41
CA ASP A 250 -15.28 -1.11 14.22
C ASP A 250 -14.07 -0.27 14.62
N PHE A 251 -13.47 0.39 13.62
CA PHE A 251 -12.31 1.23 13.89
C PHE A 251 -12.66 2.42 14.77
N LEU A 252 -13.81 3.06 14.54
CA LEU A 252 -14.19 4.21 15.36
C LEU A 252 -14.30 3.83 16.82
N GLN A 253 -15.12 2.83 17.12
CA GLN A 253 -15.40 2.47 18.51
C GLN A 253 -14.15 1.96 19.21
N LEU A 254 -13.19 1.44 18.47
CA LEU A 254 -11.97 0.93 19.12
C LEU A 254 -11.03 2.05 19.52
N MET A 255 -11.13 3.20 18.85
CA MET A 255 -10.28 4.35 19.15
C MET A 255 -10.85 5.23 20.25
N ILE A 256 -12.17 5.24 20.42
CA ILE A 256 -12.79 6.09 21.43
C ILE A 256 -12.44 5.59 22.83
N ASP A 257 -12.36 4.26 23.00
CA ASP A 257 -12.13 3.69 24.33
C ASP A 257 -10.82 4.17 24.93
N SER A 258 -9.82 4.47 24.11
CA SER A 258 -8.54 4.94 24.61
C SER A 258 -8.69 6.33 25.24
N HIS A 267 0.22 7.61 27.67
CA HIS A 267 -0.03 8.81 26.90
C HIS A 267 -1.34 9.48 27.34
N LYS A 268 -1.71 10.54 26.62
CA LYS A 268 -3.03 11.13 26.76
C LYS A 268 -3.91 10.67 25.60
N ALA A 269 -5.22 10.75 25.81
CA ALA A 269 -6.18 10.17 24.89
C ALA A 269 -6.12 10.85 23.52
N LEU A 270 -6.76 10.21 22.54
CA LEU A 270 -6.88 10.78 21.20
C LEU A 270 -7.92 11.89 21.20
N SER A 271 -7.56 13.03 20.62
CA SER A 271 -8.47 14.17 20.58
C SER A 271 -9.60 13.90 19.59
N ASP A 272 -10.53 14.86 19.51
CA ASP A 272 -11.63 14.72 18.55
C ASP A 272 -11.10 14.81 17.12
N LEU A 273 -10.32 15.84 16.84
CA LEU A 273 -9.76 16.03 15.51
C LEU A 273 -8.68 14.99 15.21
N GLU A 274 -7.78 14.79 16.16
CA GLU A 274 -6.70 13.82 15.99
C GLU A 274 -7.23 12.46 15.55
N LEU A 275 -8.37 12.05 16.11
CA LEU A 275 -8.98 10.78 15.77
C LEU A 275 -9.55 10.80 14.36
N VAL A 276 -10.19 11.90 13.99
CA VAL A 276 -10.78 12.04 12.67
C VAL A 276 -9.72 11.89 11.57
N ALA A 277 -8.55 12.45 11.80
CA ALA A 277 -7.46 12.38 10.83
C ALA A 277 -7.01 10.95 10.59
N GLN A 278 -7.15 10.07 11.58
CA GLN A 278 -6.69 8.70 11.42
C GLN A 278 -7.59 7.91 10.48
N SER A 279 -8.92 8.00 10.68
CA SER A 279 -9.84 7.27 9.81
C SER A 279 -9.76 7.75 8.36
N ILE A 280 -9.43 9.03 8.15
CA ILE A 280 -9.21 9.52 6.80
C ILE A 280 -7.99 8.86 6.19
N ILE A 281 -6.91 8.75 6.97
CA ILE A 281 -5.73 8.02 6.49
C ILE A 281 -6.05 6.53 6.38
N PHE A 282 -7.03 6.05 7.14
CA PHE A 282 -7.44 4.65 7.02
C PHE A 282 -8.24 4.42 5.75
N ILE A 283 -9.12 5.36 5.40
CA ILE A 283 -9.94 5.22 4.20
C ILE A 283 -9.08 5.31 2.95
N PHE A 284 -8.13 6.25 2.93
CA PHE A 284 -7.19 6.33 1.83
C PHE A 284 -6.36 5.05 1.72
N ALA A 285 -5.83 4.59 2.85
CA ALA A 285 -4.96 3.42 2.83
C ALA A 285 -5.72 2.14 2.49
N GLY A 286 -6.94 2.01 2.99
CA GLY A 286 -7.67 0.77 2.75
C GLY A 286 -8.31 0.65 1.39
N TYR A 287 -8.46 1.75 0.65
CA TYR A 287 -9.22 1.71 -0.59
C TYR A 287 -8.36 1.38 -1.80
N GLU A 288 -7.56 2.35 -2.26
CA GLU A 288 -6.80 2.18 -3.49
C GLU A 288 -5.88 0.98 -3.41
N THR A 289 -5.45 0.61 -2.21
CA THR A 289 -4.55 -0.53 -2.04
C THR A 289 -5.28 -1.85 -2.28
N THR A 290 -6.45 -2.02 -1.65
CA THR A 290 -7.15 -3.29 -1.72
C THR A 290 -7.57 -3.62 -3.15
N SER A 291 -8.20 -2.67 -3.83
CA SER A 291 -8.72 -2.94 -5.17
C SER A 291 -7.58 -3.15 -6.18
N SER A 292 -6.51 -2.36 -6.08
CA SER A 292 -5.42 -2.49 -7.03
C SER A 292 -4.70 -3.82 -6.86
N VAL A 293 -4.40 -4.21 -5.62
CA VAL A 293 -3.72 -5.48 -5.40
C VAL A 293 -4.64 -6.64 -5.79
N LEU A 294 -5.92 -6.57 -5.42
CA LEU A 294 -6.86 -7.60 -5.84
C LEU A 294 -6.92 -7.71 -7.36
N SER A 295 -6.81 -6.58 -8.05
CA SER A 295 -6.73 -6.63 -9.52
C SER A 295 -5.44 -7.28 -9.97
N PHE A 296 -4.34 -7.00 -9.28
CA PHE A 296 -3.07 -7.65 -9.61
C PHE A 296 -3.13 -9.14 -9.36
N ILE A 297 -3.73 -9.55 -8.24
CA ILE A 297 -3.81 -10.97 -7.91
C ILE A 297 -4.64 -11.72 -8.94
N MET A 298 -5.83 -11.19 -9.26
CA MET A 298 -6.73 -11.86 -10.19
C MET A 298 -6.15 -11.89 -11.60
N TYR A 299 -5.42 -10.85 -11.99
CA TYR A 299 -4.74 -10.90 -13.28
C TYR A 299 -3.71 -12.02 -13.31
N GLU A 300 -2.97 -12.19 -12.21
CA GLU A 300 -1.99 -13.28 -12.14
C GLU A 300 -2.67 -14.64 -12.12
N LEU A 301 -3.77 -14.76 -11.37
CA LEU A 301 -4.45 -16.05 -11.26
C LEU A 301 -5.08 -16.44 -12.59
N ALA A 302 -5.66 -15.47 -13.30
CA ALA A 302 -6.30 -15.78 -14.59
C ALA A 302 -5.28 -16.21 -15.63
N THR A 303 -4.14 -15.51 -15.71
CA THR A 303 -3.10 -15.88 -16.64
C THR A 303 -2.26 -17.06 -16.17
N HIS A 304 -2.47 -17.53 -14.94
CA HIS A 304 -1.85 -18.75 -14.43
C HIS A 304 -2.95 -19.66 -13.89
N PRO A 305 -3.75 -20.26 -14.78
CA PRO A 305 -4.89 -21.07 -14.31
C PRO A 305 -4.47 -22.25 -13.46
N ASP A 306 -3.24 -22.74 -13.61
CA ASP A 306 -2.74 -23.79 -12.72
C ASP A 306 -2.70 -23.31 -11.28
N VAL A 307 -2.16 -22.10 -11.07
CA VAL A 307 -2.15 -21.52 -9.72
C VAL A 307 -3.58 -21.27 -9.25
N GLN A 308 -4.44 -20.79 -10.14
CA GLN A 308 -5.84 -20.57 -9.78
C GLN A 308 -6.52 -21.88 -9.42
N GLN A 309 -6.23 -22.95 -10.17
CA GLN A 309 -6.83 -24.25 -9.88
C GLN A 309 -6.26 -24.86 -8.61
N LYS A 310 -4.95 -24.76 -8.40
CA LYS A 310 -4.34 -25.29 -7.19
C LYS A 310 -4.81 -24.51 -5.96
N LEU A 311 -4.97 -23.19 -6.10
CA LEU A 311 -5.52 -22.40 -5.00
C LEU A 311 -6.98 -22.74 -4.74
N GLN A 312 -7.77 -22.91 -5.81
CA GLN A 312 -9.17 -23.28 -5.64
C GLN A 312 -9.32 -24.63 -4.98
N GLU A 313 -8.40 -25.56 -5.24
CA GLU A 313 -8.45 -26.87 -4.59
C GLU A 313 -8.16 -26.75 -3.10
N GLU A 314 -7.09 -26.04 -2.74
CA GLU A 314 -6.82 -25.77 -1.34
C GLU A 314 -7.98 -25.02 -0.70
N ILE A 315 -8.60 -24.10 -1.44
CA ILE A 315 -9.78 -23.41 -0.95
C ILE A 315 -10.92 -24.41 -0.71
N ASP A 316 -11.17 -25.28 -1.69
CA ASP A 316 -12.23 -26.27 -1.54
C ASP A 316 -11.90 -27.28 -0.45
N ALA A 317 -10.62 -27.62 -0.29
CA ALA A 317 -10.23 -28.63 0.69
C ALA A 317 -10.39 -28.09 2.11
N VAL A 318 -9.85 -26.91 2.38
CA VAL A 318 -9.92 -26.36 3.73
C VAL A 318 -11.35 -25.96 4.07
N LEU A 319 -12.10 -25.46 3.08
CA LEU A 319 -13.50 -25.04 3.26
C LEU A 319 -14.36 -25.90 2.35
N PRO A 320 -14.77 -27.09 2.81
CA PRO A 320 -15.55 -27.98 1.94
C PRO A 320 -16.95 -27.43 1.67
N ASN A 321 -17.37 -27.55 0.42
CA ASN A 321 -18.75 -27.25 -0.01
C ASN A 321 -19.08 -25.76 0.18
N LYS A 322 -18.21 -24.90 -0.35
CA LYS A 322 -18.37 -23.45 -0.29
C LYS A 322 -18.59 -22.99 1.15
N ALA A 323 -17.74 -23.47 2.05
CA ALA A 323 -17.89 -23.17 3.46
C ALA A 323 -17.52 -21.72 3.75
N PRO A 324 -18.16 -21.10 4.74
CA PRO A 324 -17.85 -19.70 5.07
C PRO A 324 -16.46 -19.55 5.64
N PRO A 325 -15.68 -18.61 5.15
CA PRO A 325 -14.32 -18.43 5.65
C PRO A 325 -14.33 -17.77 7.03
N THR A 326 -13.37 -18.18 7.86
CA THR A 326 -13.20 -17.63 9.19
C THR A 326 -11.77 -17.13 9.35
N TYR A 327 -11.50 -16.49 10.49
CA TYR A 327 -10.18 -15.98 10.76
C TYR A 327 -9.15 -17.12 10.82
N ASP A 328 -9.48 -18.17 11.57
CA ASP A 328 -8.55 -19.28 11.76
C ASP A 328 -8.36 -20.10 10.48
N THR A 329 -9.32 -20.09 9.57
CA THR A 329 -9.15 -20.81 8.31
C THR A 329 -8.26 -20.03 7.36
N VAL A 330 -8.44 -18.71 7.29
CA VAL A 330 -7.61 -17.90 6.38
C VAL A 330 -6.14 -18.05 6.72
N LEU A 331 -5.81 -18.10 8.02
CA LEU A 331 -4.44 -18.29 8.46
C LEU A 331 -3.97 -19.73 8.37
N GLN A 332 -4.65 -20.56 7.59
CA GLN A 332 -4.23 -21.92 7.32
C GLN A 332 -3.97 -22.20 5.84
N MET A 333 -4.62 -21.47 4.93
CA MET A 333 -4.41 -21.67 3.51
C MET A 333 -3.01 -21.21 3.10
N GLU A 334 -2.05 -22.14 3.12
CA GLU A 334 -0.66 -21.78 2.85
C GLU A 334 -0.46 -21.28 1.43
N TYR A 335 -1.11 -21.92 0.46
CA TYR A 335 -0.92 -21.50 -0.93
C TYR A 335 -1.57 -20.15 -1.21
N LEU A 336 -2.64 -19.81 -0.47
CA LEU A 336 -3.22 -18.48 -0.60
C LEU A 336 -2.25 -17.42 -0.12
N ASP A 337 -1.57 -17.67 1.01
CA ASP A 337 -0.60 -16.72 1.53
C ASP A 337 0.57 -16.55 0.57
N MET A 338 1.01 -17.65 -0.04
CA MET A 338 2.11 -17.58 -1.01
C MET A 338 1.68 -16.82 -2.26
N VAL A 339 0.43 -17.00 -2.69
CA VAL A 339 -0.07 -16.27 -3.86
C VAL A 339 -0.13 -14.78 -3.57
N VAL A 340 -0.59 -14.41 -2.37
CA VAL A 340 -0.68 -13.00 -2.00
C VAL A 340 0.72 -12.39 -1.90
N ASN A 341 1.63 -13.10 -1.24
CA ASN A 341 2.97 -12.56 -1.01
C ASN A 341 3.74 -12.42 -2.32
N GLU A 342 3.52 -13.33 -3.28
CA GLU A 342 4.24 -13.25 -4.54
C GLU A 342 3.70 -12.14 -5.43
N THR A 343 2.38 -11.89 -5.38
CA THR A 343 1.82 -10.79 -6.15
C THR A 343 2.32 -9.44 -5.62
N LEU A 344 2.42 -9.31 -4.30
CA LEU A 344 2.97 -8.11 -3.69
C LEU A 344 4.46 -7.95 -3.99
N ARG A 345 5.16 -9.05 -4.26
CA ARG A 345 6.55 -8.92 -4.69
C ARG A 345 6.63 -8.27 -6.07
N LEU A 346 5.79 -8.74 -7.00
CA LEU A 346 5.78 -8.18 -8.34
C LEU A 346 5.21 -6.77 -8.35
N PHE A 347 4.29 -6.45 -7.44
CA PHE A 347 3.60 -5.16 -7.42
C PHE A 347 3.54 -4.63 -5.99
N PRO A 348 4.68 -4.16 -5.45
CA PRO A 348 4.64 -3.40 -4.20
C PRO A 348 4.09 -2.00 -4.44
N ILE A 349 2.79 -1.82 -4.19
CA ILE A 349 2.09 -0.60 -4.57
C ILE A 349 2.70 0.66 -3.96
N ALA A 350 3.38 0.53 -2.82
CA ALA A 350 4.09 1.67 -2.26
C ALA A 350 5.38 1.97 -3.01
N MET A 351 5.92 0.99 -3.74
CA MET A 351 7.07 1.17 -4.63
C MET A 351 8.35 1.49 -3.85
N ARG A 352 8.31 2.54 -3.04
CA ARG A 352 9.50 3.01 -2.33
C ARG A 352 9.26 3.08 -0.83
N LEU A 353 10.37 3.02 -0.08
CA LEU A 353 10.41 3.26 1.35
C LEU A 353 11.35 4.43 1.60
N GLU A 354 10.91 5.40 2.41
CA GLU A 354 11.67 6.62 2.61
C GLU A 354 11.75 6.99 4.08
N ARG A 355 12.93 7.43 4.50
CA ARG A 355 13.16 7.94 5.85
C ARG A 355 14.07 9.15 5.76
N VAL A 356 13.79 10.16 6.57
CA VAL A 356 14.57 11.39 6.60
C VAL A 356 15.71 11.23 7.59
N CYS A 357 16.91 11.67 7.18
CA CYS A 357 18.08 11.66 8.05
C CYS A 357 18.03 12.90 8.94
N LYS A 358 17.77 12.69 10.24
CA LYS A 358 17.56 13.81 11.16
C LYS A 358 18.86 14.45 11.64
N LYS A 359 20.00 13.76 11.51
CA LYS A 359 21.27 14.32 11.95
C LYS A 359 22.40 13.65 11.18
N ASP A 360 23.54 14.35 11.11
CA ASP A 360 24.73 13.79 10.49
C ASP A 360 25.13 12.49 11.16
N VAL A 361 24.99 11.38 10.45
CA VAL A 361 25.25 10.05 11.02
C VAL A 361 26.15 9.27 10.07
N GLU A 362 26.65 8.15 10.58
CA GLU A 362 27.58 7.27 9.86
C GLU A 362 27.10 5.84 10.07
N ILE A 363 26.35 5.32 9.10
CA ILE A 363 25.77 3.99 9.20
C ILE A 363 26.54 3.03 8.30
N ASN A 364 26.73 1.81 8.79
CA ASN A 364 27.32 0.68 8.08
C ASN A 364 28.33 1.24 7.07
N GLY A 365 29.34 1.96 7.56
CA GLY A 365 30.45 2.39 6.74
C GLY A 365 30.39 3.62 5.87
N MET A 366 29.23 4.27 5.72
CA MET A 366 29.12 5.46 4.91
C MET A 366 28.43 6.57 5.68
N PHE A 367 28.68 7.81 5.26
CA PHE A 367 28.24 9.00 5.96
C PHE A 367 26.98 9.56 5.33
N ILE A 368 25.96 9.79 6.13
CA ILE A 368 24.68 10.32 5.69
C ILE A 368 24.50 11.70 6.33
N PRO A 369 24.50 12.78 5.55
CA PRO A 369 24.30 14.10 6.14
C PRO A 369 22.84 14.36 6.50
N LYS A 370 22.65 15.27 7.44
CA LYS A 370 21.31 15.62 7.89
C LYS A 370 20.51 16.26 6.75
N GLY A 371 19.24 15.85 6.64
CA GLY A 371 18.35 16.37 5.62
C GLY A 371 18.22 15.50 4.39
N VAL A 372 19.07 14.50 4.23
CA VAL A 372 19.02 13.61 3.07
C VAL A 372 17.91 12.58 3.29
N VAL A 373 17.07 12.41 2.27
CA VAL A 373 16.02 11.40 2.31
C VAL A 373 16.62 10.07 1.90
N VAL A 374 16.56 9.08 2.79
CA VAL A 374 17.07 7.75 2.51
C VAL A 374 15.93 6.93 1.91
N MET A 375 16.16 6.40 0.71
CA MET A 375 15.13 5.72 -0.05
C MET A 375 15.49 4.25 -0.24
N ILE A 376 14.52 3.37 -0.02
CA ILE A 376 14.66 1.94 -0.25
C ILE A 376 13.76 1.57 -1.43
N PRO A 377 14.32 1.26 -2.60
CA PRO A 377 13.47 0.90 -3.75
C PRO A 377 12.90 -0.50 -3.63
N SER A 378 11.71 -0.62 -3.04
CA SER A 378 11.10 -1.93 -2.86
C SER A 378 10.82 -2.60 -4.20
N TYR A 379 10.33 -1.84 -5.18
CA TYR A 379 10.07 -2.40 -6.50
C TYR A 379 11.35 -2.94 -7.13
N ALA A 380 12.42 -2.15 -7.10
CA ALA A 380 13.67 -2.58 -7.72
C ALA A 380 14.27 -3.78 -7.00
N LEU A 381 14.17 -3.79 -5.67
CA LEU A 381 14.72 -4.92 -4.91
C LEU A 381 13.91 -6.19 -5.13
N HIS A 382 12.58 -6.06 -5.23
CA HIS A 382 11.74 -7.24 -5.42
C HIS A 382 11.99 -7.90 -6.76
N ARG A 383 12.46 -7.14 -7.75
CA ARG A 383 12.75 -7.65 -9.08
C ARG A 383 14.25 -7.63 -9.35
N ASP A 384 15.04 -8.05 -8.37
CA ASP A 384 16.49 -8.06 -8.47
C ASP A 384 16.99 -9.49 -8.66
N PRO A 385 17.64 -9.80 -9.79
CA PRO A 385 18.17 -11.16 -9.97
C PRO A 385 19.22 -11.55 -8.93
N LYS A 386 19.81 -10.59 -8.22
CA LYS A 386 20.72 -10.93 -7.12
C LYS A 386 20.01 -11.69 -6.01
N TYR A 387 18.68 -11.62 -5.93
CA TYR A 387 17.92 -12.31 -4.90
C TYR A 387 16.75 -13.13 -5.44
N TRP A 388 16.34 -12.93 -6.69
CA TRP A 388 15.16 -13.60 -7.24
C TRP A 388 15.49 -14.17 -8.61
N THR A 389 15.18 -15.45 -8.79
CA THR A 389 15.40 -16.13 -10.07
C THR A 389 14.16 -15.94 -10.95
N GLU A 390 14.37 -15.53 -12.20
CA GLU A 390 13.31 -15.15 -13.11
C GLU A 390 12.37 -14.17 -12.41
N PRO A 391 12.84 -12.94 -12.11
CA PRO A 391 12.02 -12.04 -11.27
C PRO A 391 10.72 -11.65 -11.92
N GLU A 392 10.66 -11.58 -13.26
CA GLU A 392 9.43 -11.21 -13.94
C GLU A 392 8.39 -12.33 -13.91
N LYS A 393 8.78 -13.53 -13.50
CA LYS A 393 7.88 -14.67 -13.50
C LYS A 393 7.05 -14.71 -12.22
N PHE A 394 5.75 -14.95 -12.37
CA PHE A 394 4.84 -15.14 -11.25
C PHE A 394 4.97 -16.58 -10.77
N LEU A 395 5.72 -16.79 -9.70
CA LEU A 395 5.99 -18.13 -9.17
C LEU A 395 5.69 -18.13 -7.68
N PRO A 396 4.45 -18.46 -7.30
CA PRO A 396 4.09 -18.42 -5.87
C PRO A 396 4.90 -19.36 -4.99
N GLU A 397 5.51 -20.40 -5.56
CA GLU A 397 6.30 -21.34 -4.78
C GLU A 397 7.58 -20.74 -4.20
N ARG A 398 7.88 -19.47 -4.49
CA ARG A 398 9.03 -18.83 -3.88
C ARG A 398 8.88 -18.75 -2.36
N PHE A 399 7.65 -18.60 -1.87
CA PHE A 399 7.38 -18.42 -0.45
C PHE A 399 6.96 -19.71 0.23
N SER A 400 7.20 -20.86 -0.39
CA SER A 400 6.89 -22.14 0.22
C SER A 400 7.74 -22.33 1.48
N LYS A 401 7.22 -23.13 2.42
CA LYS A 401 7.91 -23.36 3.68
C LYS A 401 9.30 -23.94 3.47
N LYS A 402 9.58 -24.49 2.28
CA LYS A 402 10.94 -24.89 1.95
C LYS A 402 11.80 -23.70 1.57
N ASN A 403 11.29 -22.83 0.68
CA ASN A 403 12.07 -21.73 0.14
C ASN A 403 11.82 -20.40 0.82
N LYS A 404 10.84 -20.31 1.73
CA LYS A 404 10.53 -19.02 2.36
C LYS A 404 11.67 -18.56 3.27
N ASP A 405 12.39 -19.50 3.88
CA ASP A 405 13.42 -19.14 4.86
C ASP A 405 14.64 -18.50 4.22
N ASN A 406 14.81 -18.66 2.91
CA ASN A 406 15.97 -18.12 2.19
C ASN A 406 15.78 -16.68 1.75
N ILE A 407 14.66 -16.05 2.11
CA ILE A 407 14.34 -14.70 1.67
C ILE A 407 14.78 -13.71 2.75
N ASP A 408 15.44 -12.65 2.34
CA ASP A 408 15.90 -11.63 3.27
C ASP A 408 14.75 -10.69 3.62
N PRO A 409 14.45 -10.49 4.91
CA PRO A 409 13.31 -9.64 5.27
C PRO A 409 13.50 -8.16 4.95
N TYR A 410 14.64 -7.76 4.41
CA TYR A 410 14.88 -6.38 4.04
C TYR A 410 14.99 -6.18 2.53
N ILE A 411 15.06 -7.26 1.76
CA ILE A 411 14.87 -7.16 0.32
C ILE A 411 13.38 -7.14 -0.01
N TYR A 412 12.63 -8.05 0.60
CA TYR A 412 11.18 -8.14 0.42
C TYR A 412 10.51 -7.28 1.49
N THR A 413 10.12 -6.07 1.11
CA THR A 413 9.49 -5.11 2.01
C THR A 413 8.24 -4.52 1.36
N PRO A 414 7.20 -5.33 1.16
CA PRO A 414 5.96 -4.77 0.59
C PRO A 414 5.16 -3.96 1.58
N PHE A 415 5.29 -4.25 2.88
CA PHE A 415 4.66 -3.49 3.95
C PHE A 415 5.66 -2.71 4.78
N GLY A 416 6.89 -2.59 4.28
CA GLY A 416 7.94 -1.97 5.06
C GLY A 416 8.45 -2.90 6.14
N SER A 417 9.17 -2.29 7.09
CA SER A 417 9.70 -3.02 8.24
C SER A 417 10.04 -2.01 9.33
N GLY A 418 10.29 -2.54 10.53
CA GLY A 418 10.64 -1.72 11.66
C GLY A 418 9.43 -1.14 12.35
N PRO A 419 9.67 -0.21 13.28
CA PRO A 419 8.55 0.37 14.05
C PRO A 419 7.59 1.19 13.20
N ARG A 420 7.99 1.64 12.01
CA ARG A 420 7.13 2.43 11.15
C ARG A 420 6.76 1.66 9.87
N ASN A 421 6.51 0.36 10.01
CA ASN A 421 6.01 -0.43 8.89
C ASN A 421 4.52 -0.16 8.69
N CYS A 422 3.92 -0.87 7.74
CA CYS A 422 2.49 -0.73 7.50
C CYS A 422 1.71 -1.21 8.72
N ILE A 423 1.09 -0.28 9.44
CA ILE A 423 0.39 -0.64 10.67
C ILE A 423 -0.85 -1.47 10.40
N GLY A 424 -1.41 -1.40 9.19
CA GLY A 424 -2.57 -2.19 8.84
C GLY A 424 -2.23 -3.37 7.96
N MET A 425 -1.04 -3.94 8.17
CA MET A 425 -0.59 -5.05 7.35
C MET A 425 -1.48 -6.28 7.53
N ARG A 426 -1.64 -6.73 8.78
CA ARG A 426 -2.46 -7.91 9.04
C ARG A 426 -3.90 -7.70 8.60
N PHE A 427 -4.42 -6.47 8.76
CA PHE A 427 -5.78 -6.19 8.33
C PHE A 427 -5.88 -6.22 6.80
N ALA A 428 -4.90 -5.65 6.11
CA ALA A 428 -4.94 -5.61 4.65
C ALA A 428 -4.86 -7.02 4.07
N LEU A 429 -3.96 -7.85 4.61
CA LEU A 429 -3.83 -9.22 4.12
C LEU A 429 -5.09 -10.02 4.39
N MET A 430 -5.65 -9.90 5.60
CA MET A 430 -6.87 -10.62 5.93
C MET A 430 -8.04 -10.14 5.07
N ASN A 431 -8.10 -8.84 4.80
CA ASN A 431 -9.19 -8.31 3.98
C ASN A 431 -9.13 -8.86 2.56
N MET A 432 -7.93 -8.95 1.98
CA MET A 432 -7.83 -9.43 0.60
C MET A 432 -8.03 -10.93 0.52
N LYS A 433 -7.47 -11.69 1.47
CA LYS A 433 -7.63 -13.14 1.46
C LYS A 433 -9.09 -13.54 1.61
N LEU A 434 -9.83 -12.85 2.49
CA LEU A 434 -11.24 -13.16 2.67
C LEU A 434 -12.05 -12.89 1.41
N ALA A 435 -11.62 -11.93 0.59
CA ALA A 435 -12.29 -11.68 -0.68
C ALA A 435 -11.96 -12.77 -1.69
N LEU A 436 -10.67 -13.13 -1.80
CA LEU A 436 -10.24 -14.11 -2.80
C LEU A 436 -10.89 -15.46 -2.57
N ILE A 437 -11.06 -15.85 -1.31
CA ILE A 437 -11.64 -17.16 -1.00
C ILE A 437 -13.07 -17.23 -1.51
N ARG A 438 -13.93 -16.32 -1.04
CA ARG A 438 -15.33 -16.31 -1.47
C ARG A 438 -15.44 -16.09 -2.97
N VAL A 439 -14.52 -15.31 -3.55
CA VAL A 439 -14.54 -15.09 -4.99
C VAL A 439 -14.25 -16.39 -5.74
N LEU A 440 -13.23 -17.13 -5.29
CA LEU A 440 -12.83 -18.35 -5.98
C LEU A 440 -13.60 -19.58 -5.52
N GLN A 441 -14.35 -19.49 -4.42
CA GLN A 441 -15.26 -20.57 -4.06
C GLN A 441 -16.41 -20.69 -5.04
N ASN A 442 -16.71 -19.64 -5.80
CA ASN A 442 -17.86 -19.62 -6.69
C ASN A 442 -17.51 -19.46 -8.16
N PHE A 443 -16.41 -18.80 -8.49
CA PHE A 443 -16.10 -18.48 -9.87
C PHE A 443 -14.68 -18.88 -10.22
N SER A 444 -14.47 -19.08 -11.52
CA SER A 444 -13.15 -19.17 -12.13
C SER A 444 -13.00 -18.04 -13.14
N PHE A 445 -11.77 -17.55 -13.29
CA PHE A 445 -11.51 -16.35 -14.07
C PHE A 445 -10.56 -16.67 -15.22
N LYS A 446 -10.88 -16.12 -16.39
CA LYS A 446 -10.11 -16.34 -17.60
C LYS A 446 -9.85 -15.01 -18.30
N PRO A 447 -8.76 -14.91 -19.06
CA PRO A 447 -8.49 -13.67 -19.81
C PRO A 447 -9.50 -13.48 -20.92
N CYS A 448 -9.48 -12.26 -21.47
CA CYS A 448 -10.37 -11.88 -22.57
C CYS A 448 -9.55 -11.31 -23.72
N LYS A 449 -10.26 -11.03 -24.82
CA LYS A 449 -9.63 -10.27 -25.91
C LYS A 449 -9.23 -8.88 -25.45
N GLU A 450 -9.93 -8.34 -24.45
CA GLU A 450 -9.63 -7.03 -23.89
C GLU A 450 -8.62 -7.08 -22.76
N THR A 451 -8.26 -8.28 -22.29
CA THR A 451 -7.28 -8.40 -21.21
C THR A 451 -5.91 -7.97 -21.72
N GLN A 452 -5.37 -6.90 -21.13
CA GLN A 452 -4.08 -6.37 -21.53
C GLN A 452 -2.99 -7.37 -21.15
N ILE A 453 -2.58 -8.20 -22.09
CA ILE A 453 -1.54 -9.20 -21.89
C ILE A 453 -0.38 -8.86 -22.83
N PRO A 454 0.82 -8.56 -22.31
CA PRO A 454 1.14 -8.50 -20.88
C PRO A 454 0.58 -7.23 -20.24
N LEU A 455 0.41 -7.25 -18.92
CA LEU A 455 -0.11 -6.09 -18.22
C LEU A 455 0.93 -4.98 -18.20
N LYS A 456 0.52 -3.78 -18.60
CA LYS A 456 1.36 -2.59 -18.51
C LYS A 456 1.03 -1.84 -17.24
N LEU A 457 2.06 -1.44 -16.51
CA LEU A 457 1.85 -0.71 -15.27
C LEU A 457 1.62 0.77 -15.56
N SER A 458 0.92 1.43 -14.64
CA SER A 458 0.58 2.84 -14.83
C SER A 458 1.84 3.69 -14.92
N LEU A 459 1.75 4.75 -15.73
CA LEU A 459 2.82 5.74 -15.88
C LEU A 459 2.75 6.88 -14.88
N GLY A 460 1.79 6.87 -13.96
CA GLY A 460 1.64 7.92 -12.98
C GLY A 460 2.38 7.38 -11.78
N GLY A 461 1.88 7.63 -10.57
CA GLY A 461 2.65 7.31 -9.40
C GLY A 461 2.02 6.51 -8.28
N LEU A 462 1.15 5.56 -8.62
CA LEU A 462 0.36 4.83 -7.65
C LEU A 462 0.51 3.34 -7.78
N LEU A 463 1.19 2.86 -8.84
CA LEU A 463 1.26 1.45 -9.19
C LEU A 463 -0.09 0.78 -9.37
N GLN A 464 -0.76 1.08 -10.48
CA GLN A 464 -1.98 0.43 -10.92
C GLN A 464 -1.82 -0.06 -12.34
N PRO A 465 -2.72 -0.91 -12.83
CA PRO A 465 -2.65 -1.29 -14.24
C PRO A 465 -2.88 -0.09 -15.14
N GLU A 466 -2.08 0.01 -16.20
CA GLU A 466 -2.27 1.06 -17.20
C GLU A 466 -3.68 0.98 -17.78
N LYS A 467 -3.98 -0.11 -18.46
CA LYS A 467 -5.36 -0.42 -18.81
C LYS A 467 -5.97 -1.27 -17.72
N PRO A 468 -7.14 -0.90 -17.19
CA PRO A 468 -7.75 -1.68 -16.10
C PRO A 468 -7.98 -3.14 -16.51
N VAL A 469 -7.90 -4.02 -15.53
CA VAL A 469 -7.96 -5.45 -15.78
C VAL A 469 -9.41 -5.86 -16.03
N VAL A 470 -9.65 -6.55 -17.14
CA VAL A 470 -10.96 -7.06 -17.50
C VAL A 470 -10.83 -8.55 -17.80
N LEU A 471 -11.71 -9.35 -17.19
CA LEU A 471 -11.63 -10.80 -17.29
C LEU A 471 -13.03 -11.39 -17.43
N LYS A 472 -13.09 -12.63 -17.91
CA LYS A 472 -14.32 -13.39 -17.96
C LYS A 472 -14.53 -14.11 -16.63
N VAL A 473 -15.77 -14.08 -16.14
CA VAL A 473 -16.12 -14.67 -14.85
C VAL A 473 -17.11 -15.80 -15.13
N GLU A 474 -16.69 -17.04 -14.91
CA GLU A 474 -17.51 -18.22 -15.11
C GLU A 474 -17.97 -18.77 -13.77
N SER A 475 -19.26 -19.07 -13.66
CA SER A 475 -19.80 -19.68 -12.46
C SER A 475 -19.43 -21.17 -12.43
N ARG A 476 -18.96 -21.63 -11.28
CA ARG A 476 -18.55 -23.02 -11.12
C ARG A 476 -19.77 -23.94 -10.97
CHA HEM B . 2.50 2.56 5.74
CHB HEM B . 2.03 -0.90 2.37
CHC HEM B . -2.71 -1.20 3.38
CHD HEM B . -2.16 2.00 6.98
C1A HEM B . 2.79 1.65 4.74
C2A HEM B . 4.09 1.41 4.16
C3A HEM B . 3.96 0.47 3.23
C4A HEM B . 2.58 0.06 3.19
CMA HEM B . 5.10 -0.10 2.36
CAA HEM B . 5.41 2.13 4.54
CBA HEM B . 6.06 1.37 5.68
CGA HEM B . 7.47 1.83 5.86
O1A HEM B . 8.23 1.16 6.61
O2A HEM B . 7.85 2.87 5.26
C1B HEM B . 0.70 -1.28 2.33
C2B HEM B . 0.12 -2.28 1.45
C3B HEM B . -1.20 -2.36 1.73
C4B HEM B . -1.48 -1.42 2.80
CMB HEM B . 0.95 -3.05 0.40
CAB HEM B . -2.30 -3.25 1.10
CBB HEM B . -2.09 -4.13 0.11
C1C HEM B . -2.96 -0.43 4.49
C2C HEM B . -4.18 -0.43 5.27
C3C HEM B . -4.03 0.45 6.28
C4C HEM B . -2.71 1.04 6.15
CMC HEM B . -5.40 -1.34 4.95
CAC HEM B . -5.01 0.86 7.42
CBC HEM B . -6.26 0.38 7.57
C1D HEM B . -0.86 2.46 6.93
C2D HEM B . -0.30 3.49 7.78
C3D HEM B . 0.98 3.65 7.43
C4D HEM B . 1.29 2.71 6.37
CMD HEM B . -1.06 4.27 8.86
CAD HEM B . 1.98 4.64 8.08
CBD HEM B . 2.53 4.01 9.35
CGD HEM B . 3.36 5.01 10.12
O1D HEM B . 3.70 4.73 11.29
O2D HEM B . 3.67 6.09 9.55
NA HEM B . 1.89 0.80 4.13
NB HEM B . -0.31 -0.78 3.14
NC HEM B . -2.09 0.48 5.05
ND HEM B . 0.14 2.00 6.09
FE HEM B . -0.11 0.68 4.55
C10 X8P C . 0.46 5.84 4.16
C12 X8P C . 3.54 5.67 3.63
C13 X8P C . 3.48 7.03 4.38
C14 X8P C . 3.63 8.39 3.68
C15 X8P C . 3.32 9.53 4.43
C16 X8P C . 3.43 10.81 3.87
C17 X8P C . 3.86 10.96 2.55
C18 X8P C . 4.16 9.83 1.79
C19 X8P C . 4.06 8.55 2.36
C20 X8P C . 4.33 5.60 2.31
C23 X8P C . 6.59 5.53 1.08
C24 X8P C . 6.16 6.19 -0.25
C25 X8P C . 7.13 6.12 -1.45
C26 X8P C . 6.95 7.04 -2.67
C27 X8P C . 6.10 8.15 -2.64
C01 X8P C . 1.40 2.34 1.15
C02 X8P C . 0.33 3.03 0.28
C03 X8P C . -0.24 1.99 -0.70
C04 X8P C . 1.00 4.13 -0.55
C06 X8P C . -0.91 3.42 2.40
C09 X8P C . -0.79 5.82 3.25
C29 X8P C . 6.59 8.76 -4.84
C30 X8P C . 7.46 7.66 -4.94
C31 X8P C . 7.65 6.79 -3.86
C32 X8P C . -1.79 6.92 3.62
C33 X8P C . -1.43 8.37 3.19
C34 X8P C . -2.28 9.08 2.34
C35 X8P C . -1.94 10.38 1.95
C36 X8P C . -0.75 10.96 2.39
C37 X8P C . 0.11 10.23 3.23
C38 X8P C . -0.23 8.94 3.63
C39 X8P C . 7.80 13.84 -5.15
C40 X8P C . 6.73 13.43 -5.97
C41 X8P C . 7.90 13.31 -3.87
C42 X8P C . 6.94 12.38 -3.47
C43 X8P C . 5.80 12.50 -5.47
C44 X8P C . 6.98 11.79 -2.21
C45 X8P C . 4.70 11.96 -6.13
C46 X8P C . 2.53 10.94 -7.39
C47 X8P C . 4.43 12.40 -7.43
C48 X8P C . 2.87 10.56 -6.09
C49 X8P C . 3.31 11.86 -8.08
C50 X8P C . 7.00 10.63 0.22
C51 X8P C . 8.01 12.15 -1.33
C52 X8P C . 8.01 11.54 -0.07
C53 X8P C . 6.00 10.35 -0.74
C54 X8P C . 0.91 12.85 -1.64
C55 X8P C . 2.13 10.99 -2.59
C56 X8P C . 3.19 13.06 -2.40
C57 X8P C . 2.04 13.63 -1.83
C58 X8P C . 0.95 11.51 -2.03
C59 X8P C . 2.14 9.65 -2.96
C60 X8P C . 4.39 14.02 -2.56
C61 X8P C . 1.99 7.00 -3.64
C62 X8P C . 0.94 8.95 -2.73
C63 X8P C . 3.14 7.76 -3.84
C64 X8P C . 0.86 7.60 -3.08
C65 X8P C . 4.14 6.77 -4.48
N08 X8P C . -1.49 4.48 3.26
N22 X8P C . 5.80 5.60 2.32
N28 X8P C . 5.93 8.98 -3.69
N66 X8P C . 5.93 11.98 -4.24
N67 X8P C . 3.95 11.07 -5.46
N68 X8P C . 5.98 10.92 -1.96
N69 X8P C . 3.20 11.76 -2.76
N70 X8P C . 3.22 9.08 -3.50
O05 X8P C . -0.73 3.60 1.05
O07 X8P C . -0.75 2.30 2.99
O21 X8P C . 3.73 5.55 1.25
S11 X8P C . 1.85 5.09 3.26
RU71 X8P C . 4.61 10.64 -3.56
#